data_3B23
#
_entry.id   3B23
#
_cell.length_a   124.658
_cell.length_b   50.826
_cell.length_c   61.535
_cell.angle_alpha   90.00
_cell.angle_beta   98.70
_cell.angle_gamma   90.00
#
_symmetry.space_group_name_H-M   'C 1 2 1'
#
loop_
_entity.id
_entity.type
_entity.pdbx_description
1 polymer 'Thrombin light chain'
2 polymer 'Thrombin heavy chain'
3 polymer Variegin
4 water water
#
loop_
_entity_poly.entity_id
_entity_poly.type
_entity_poly.pdbx_seq_one_letter_code
_entity_poly.pdbx_strand_id
1 'polypeptide(L)' TFGSGEADCGLRPLFEKKSLEDKTERELLESYIDGR A
2 'polypeptide(L)'
;IVEGSDAEIGMSPWQVMLFRKSPQELLCGASLISDRWVLTAAHCLLYPPWDKNFTENDLLVRIGKHSRTRYERNIEKISM
LEKIYIHPRYNWRENLDRDIALMKLKKPVAFSDYIHPVCLPDRETAASLLQAGYKGRVTGWGNLKETWTANVGKGQPSVL
QVVNLPIVERPVCKDSTRIRITDNMFCAGYKPDEGKRGDACEGDSGGPFVMKSPFNNRWYQMGIVSWGEGCDRDGKYGFY
THVFRLKKWIQKVIDQFGE
;
B
3 'polypeptide(L)' SDQGDVAEPKMHKTAPPFDFEAIPEEYLDDES C
#
# COMPACT_ATOMS: atom_id res chain seq x y z
N ALA A 7 6.30 -6.20 17.72
CA ALA A 7 7.28 -5.28 18.38
C ALA A 7 8.62 -5.31 17.64
N ASP A 8 8.78 -6.31 16.77
CA ASP A 8 9.92 -6.45 15.86
C ASP A 8 9.65 -5.81 14.48
N CYS A 9 8.50 -5.12 14.37
CA CYS A 9 8.03 -4.53 13.13
C CYS A 9 9.06 -3.63 12.47
N GLY A 10 8.93 -3.45 11.17
CA GLY A 10 9.62 -2.38 10.46
C GLY A 10 11.11 -2.56 10.22
N LEU A 11 11.64 -3.72 10.57
CA LEU A 11 13.05 -4.04 10.33
C LEU A 11 13.14 -5.21 9.35
N ARG A 12 13.67 -4.94 8.17
CA ARG A 12 13.60 -5.90 7.07
C ARG A 12 14.72 -6.90 7.20
N PRO A 13 14.39 -8.20 7.23
CA PRO A 13 15.42 -9.20 7.34
C PRO A 13 16.57 -9.06 6.34
N LEU A 14 16.27 -8.66 5.10
CA LEU A 14 17.33 -8.60 4.08
C LEU A 14 18.04 -7.26 4.03
N PHE A 15 17.69 -6.33 4.91
CA PHE A 15 18.26 -4.98 4.83
C PHE A 15 18.71 -4.50 6.20
N GLU A 16 17.80 -4.10 7.08
CA GLU A 16 18.20 -3.55 8.39
C GLU A 16 18.85 -4.59 9.32
N LYS A 17 18.35 -5.82 9.30
CA LYS A 17 18.88 -6.84 10.21
C LYS A 17 20.31 -7.23 9.81
N LYS A 18 20.53 -7.55 8.55
CA LYS A 18 21.87 -7.51 7.97
C LYS A 18 22.12 -6.03 7.92
N SER A 19 23.34 -5.52 7.82
CA SER A 19 23.47 -4.06 7.84
C SER A 19 23.53 -3.48 6.43
N LEU A 20 22.46 -3.66 5.65
CA LEU A 20 22.45 -3.30 4.24
C LEU A 20 21.38 -2.28 3.92
N GLU A 21 21.72 -1.30 3.11
CA GLU A 21 20.74 -0.32 2.68
C GLU A 21 20.22 -0.70 1.31
N ASP A 22 18.95 -0.37 1.06
CA ASP A 22 18.38 -0.52 -0.29
C ASP A 22 18.81 0.67 -1.13
N LYS A 23 18.55 0.60 -2.43
CA LYS A 23 19.20 1.52 -3.36
C LYS A 23 18.72 2.96 -3.28
N THR A 24 17.61 3.22 -2.58
CA THR A 24 17.04 4.57 -2.55
C THR A 24 16.57 5.11 -1.19
N GLU A 25 16.68 4.35 -0.10
CA GLU A 25 16.27 4.87 1.22
C GLU A 25 17.01 6.15 1.65
N ARG A 26 18.24 6.30 1.17
CA ARG A 26 19.00 7.52 1.36
C ARG A 26 18.22 8.78 0.96
N GLU A 27 17.52 8.69 -0.18
CA GLU A 27 16.68 9.78 -0.70
C GLU A 27 15.69 10.27 0.34
N LEU A 28 15.17 9.34 1.13
CA LEU A 28 14.15 9.64 2.13
C LEU A 28 14.76 10.45 3.25
N LEU A 29 15.91 9.98 3.75
CA LEU A 29 16.60 10.62 4.86
C LEU A 29 17.09 12.01 4.49
N GLU A 30 17.55 12.18 3.25
CA GLU A 30 17.94 13.49 2.74
C GLU A 30 16.73 14.43 2.79
N SER A 31 15.55 13.93 2.44
CA SER A 31 14.35 14.75 2.49
C SER A 31 14.01 15.20 3.91
N TYR A 32 14.37 14.41 4.92
CA TYR A 32 14.08 14.81 6.32
C TYR A 32 15.01 15.91 6.81
N ILE A 33 16.18 16.03 6.20
CA ILE A 33 17.23 16.91 6.68
C ILE A 33 17.44 18.11 5.79
N ASP A 34 17.50 17.92 4.48
CA ASP A 34 17.74 19.04 3.56
C ASP A 34 16.49 19.94 3.41
N GLY A 35 15.33 19.32 3.27
CA GLY A 35 14.06 20.06 3.32
C GLY A 35 12.84 19.28 2.83
N ILE B 1 2.32 1.51 -10.20
CA ILE B 1 3.26 2.61 -9.88
C ILE B 1 3.75 3.19 -11.20
N VAL B 2 3.64 4.51 -11.36
CA VAL B 2 4.10 5.17 -12.55
C VAL B 2 5.44 5.76 -12.22
N GLU B 3 6.37 5.70 -13.18
CA GLU B 3 7.74 6.20 -13.00
C GLU B 3 8.46 5.65 -11.76
N GLY B 4 8.18 4.41 -11.41
CA GLY B 4 8.89 3.75 -10.30
C GLY B 4 9.97 2.87 -10.85
N SER B 5 10.43 1.90 -10.07
CA SER B 5 11.35 0.88 -10.57
C SER B 5 11.16 -0.47 -9.88
N ASP B 6 11.78 -1.52 -10.41
CA ASP B 6 11.67 -2.85 -9.82
C ASP B 6 12.12 -2.77 -8.37
N ALA B 7 11.32 -3.33 -7.48
CA ALA B 7 11.76 -3.45 -6.10
C ALA B 7 12.94 -4.44 -6.04
N GLU B 8 13.91 -4.19 -5.16
CA GLU B 8 14.85 -5.24 -4.79
C GLU B 8 14.06 -6.30 -4.03
N ILE B 9 14.48 -7.55 -4.14
CA ILE B 9 13.79 -8.64 -3.44
C ILE B 9 13.89 -8.40 -1.93
N GLY B 10 12.75 -8.54 -1.23
CA GLY B 10 12.72 -8.35 0.22
C GLY B 10 12.71 -6.91 0.68
N MET B 11 12.59 -5.98 -0.26
CA MET B 11 12.64 -4.54 0.04
C MET B 11 11.42 -4.03 0.78
N SER B 12 10.31 -4.76 0.66
CA SER B 12 9.02 -4.33 1.18
C SER B 12 8.25 -5.55 1.66
N PRO B 13 8.77 -6.22 2.70
CA PRO B 13 8.26 -7.56 3.13
C PRO B 13 6.89 -7.56 3.82
N TRP B 14 6.32 -6.37 4.04
CA TRP B 14 4.96 -6.21 4.54
C TRP B 14 3.98 -6.06 3.39
N GLN B 15 4.48 -5.99 2.15
CA GLN B 15 3.57 -5.80 0.99
C GLN B 15 2.71 -7.05 0.79
N VAL B 16 1.40 -6.83 0.65
CA VAL B 16 0.45 -7.90 0.48
C VAL B 16 -0.35 -7.72 -0.83
N MET B 17 -0.55 -8.83 -1.55
CA MET B 17 -1.41 -8.84 -2.73
C MET B 17 -2.79 -9.32 -2.35
N LEU B 18 -3.79 -8.48 -2.58
CA LEU B 18 -5.17 -8.88 -2.46
C LEU B 18 -5.62 -9.46 -3.81
N PHE B 19 -5.86 -10.77 -3.81
CA PHE B 19 -6.03 -11.56 -5.04
C PHE B 19 -7.45 -12.10 -5.17
N ARG B 20 -8.13 -11.76 -6.27
CA ARG B 20 -9.49 -12.28 -6.51
C ARG B 20 -9.43 -13.69 -7.05
N LYS B 21 -10.20 -14.59 -6.44
CA LYS B 21 -10.20 -16.00 -6.84
C LYS B 21 -10.74 -16.15 -8.26
N SER B 22 -12.00 -15.78 -8.44
CA SER B 22 -12.71 -15.99 -9.70
C SER B 22 -13.46 -14.71 -10.12
N PRO B 23 -13.04 -14.09 -11.24
CA PRO B 23 -11.89 -14.43 -12.08
C PRO B 23 -10.59 -14.02 -11.42
N GLN B 24 -9.54 -14.83 -11.57
CA GLN B 24 -8.22 -14.52 -11.04
C GLN B 24 -7.72 -13.13 -11.45
N GLU B 25 -7.52 -12.25 -10.47
CA GLU B 25 -6.92 -10.94 -10.72
C GLU B 25 -6.39 -10.23 -9.45
N LEU B 26 -5.39 -9.38 -9.66
CA LEU B 26 -4.95 -8.43 -8.66
C LEU B 26 -6.08 -7.45 -8.38
N LEU B 27 -6.60 -7.44 -7.16
CA LEU B 27 -7.61 -6.45 -6.78
C LEU B 27 -6.93 -5.22 -6.28
N CYS B 28 -6.05 -5.40 -5.30
CA CYS B 28 -5.48 -4.29 -4.58
C CYS B 28 -4.19 -4.68 -3.93
N GLY B 29 -3.53 -3.66 -3.41
CA GLY B 29 -2.46 -3.82 -2.46
C GLY B 29 -2.97 -3.82 -1.03
N ALA B 30 -2.05 -4.16 -0.13
CA ALA B 30 -2.35 -4.30 1.28
C ALA B 30 -1.04 -4.37 2.06
N SER B 31 -1.10 -4.35 3.38
CA SER B 31 0.11 -4.41 4.22
C SER B 31 -0.06 -5.32 5.42
N LEU B 32 1.01 -6.06 5.73
CA LEU B 32 1.06 -6.94 6.90
C LEU B 32 1.49 -6.14 8.11
N ILE B 33 0.62 -6.09 9.12
CA ILE B 33 0.91 -5.35 10.35
C ILE B 33 1.10 -6.22 11.62
N SER B 34 0.68 -7.48 11.55
CA SER B 34 1.07 -8.52 12.52
C SER B 34 0.97 -9.89 11.83
N ASP B 35 1.13 -10.97 12.58
CA ASP B 35 1.07 -12.32 11.99
C ASP B 35 -0.33 -12.77 11.54
N ARG B 36 -1.36 -12.06 11.98
CA ARG B 36 -2.77 -12.43 11.71
C ARG B 36 -3.59 -11.28 11.10
N TRP B 37 -2.95 -10.15 10.81
CA TRP B 37 -3.69 -8.95 10.41
C TRP B 37 -3.10 -8.23 9.22
N VAL B 38 -3.98 -7.90 8.28
CA VAL B 38 -3.59 -7.21 7.07
C VAL B 38 -4.45 -5.94 6.88
N LEU B 39 -3.79 -4.86 6.50
CA LEU B 39 -4.39 -3.54 6.39
C LEU B 39 -4.49 -3.13 4.92
N THR B 40 -5.61 -2.51 4.55
CA THR B 40 -5.88 -2.12 3.16
C THR B 40 -6.91 -0.98 3.14
N ALA B 41 -7.28 -0.54 1.93
CA ALA B 41 -8.31 0.48 1.76
C ALA B 41 -9.69 -0.17 1.69
N ALA B 42 -10.70 0.54 2.21
CA ALA B 42 -12.07 0.05 2.22
C ALA B 42 -12.67 0.00 0.82
N HIS B 43 -12.30 0.93 -0.04
CA HIS B 43 -12.84 0.96 -1.36
C HIS B 43 -12.44 -0.24 -2.20
N CYS B 44 -11.36 -0.91 -1.84
CA CYS B 44 -10.99 -2.17 -2.48
C CYS B 44 -12.04 -3.28 -2.25
N LEU B 45 -12.70 -3.23 -1.09
CA LEU B 45 -13.65 -4.26 -0.66
C LEU B 45 -15.12 -3.83 -0.75
N LEU B 46 -15.38 -2.53 -0.71
CA LEU B 46 -16.74 -2.03 -0.63
C LEU B 46 -16.88 -0.73 -1.39
N TYR B 47 -17.67 -0.75 -2.46
CA TYR B 47 -18.04 0.45 -3.21
C TYR B 47 -19.34 0.19 -4.01
N PRO B 48 -20.50 0.28 -3.33
CA PRO B 48 -21.80 -0.05 -3.90
C PRO B 48 -22.21 0.64 -5.22
N PRO B 49 -21.68 1.84 -5.52
CA PRO B 49 -22.07 2.44 -6.80
C PRO B 49 -21.56 1.65 -8.02
N TRP B 50 -20.52 0.83 -7.82
CA TRP B 50 -20.13 -0.20 -8.79
C TRP B 50 -20.50 -1.62 -8.29
N ASP B 51 -21.57 -1.73 -7.48
CA ASP B 51 -22.03 -3.02 -6.93
C ASP B 51 -20.91 -3.90 -6.32
N LYS B 52 -19.98 -3.27 -5.61
CA LYS B 52 -18.84 -3.97 -5.04
C LYS B 52 -19.03 -4.20 -3.54
N ASN B 53 -19.03 -5.47 -3.13
CA ASN B 53 -19.11 -5.86 -1.72
C ASN B 53 -18.52 -7.26 -1.54
N PHE B 54 -17.19 -7.35 -1.46
CA PHE B 54 -16.51 -8.65 -1.40
C PHE B 54 -16.67 -9.32 -0.04
N THR B 55 -17.01 -10.60 -0.06
CA THR B 55 -17.03 -11.39 1.16
C THR B 55 -15.65 -12.02 1.33
N GLU B 56 -15.42 -12.56 2.53
CA GLU B 56 -14.15 -13.20 2.88
C GLU B 56 -13.77 -14.34 1.92
N ASN B 57 -14.76 -15.17 1.54
CA ASN B 57 -14.55 -16.32 0.65
C ASN B 57 -14.18 -15.96 -0.82
N ASP B 58 -14.38 -14.70 -1.21
CA ASP B 58 -14.12 -14.26 -2.59
C ASP B 58 -12.65 -14.00 -2.89
N LEU B 59 -11.84 -13.91 -1.82
CA LEU B 59 -10.46 -13.41 -1.91
C LEU B 59 -9.39 -14.29 -1.25
N LEU B 60 -8.14 -14.03 -1.61
CA LEU B 60 -6.98 -14.62 -0.95
C LEU B 60 -5.94 -13.51 -0.72
N VAL B 61 -5.18 -13.60 0.38
CA VAL B 61 -4.04 -12.71 0.54
C VAL B 61 -2.77 -13.49 0.21
N ARG B 62 -1.89 -12.83 -0.55
CA ARG B 62 -0.64 -13.42 -0.97
C ARG B 62 0.50 -12.53 -0.49
N ILE B 63 1.36 -13.07 0.37
CA ILE B 63 2.39 -12.31 1.04
C ILE B 63 3.75 -12.85 0.62
N GLY B 64 4.78 -12.02 0.69
CA GLY B 64 6.11 -12.44 0.31
C GLY B 64 6.37 -12.46 -1.19
N LYS B 65 5.40 -12.00 -1.99
CA LYS B 65 5.56 -11.97 -3.43
C LYS B 65 6.56 -10.92 -3.91
N HIS B 66 7.16 -11.23 -5.05
CA HIS B 66 7.92 -10.28 -5.84
C HIS B 66 7.34 -10.20 -7.28
N SER B 67 7.22 -11.37 -7.92
CA SER B 67 6.58 -11.51 -9.23
C SER B 67 5.09 -11.19 -9.14
N ARG B 68 4.54 -10.53 -10.17
CA ARG B 68 3.10 -10.28 -10.18
C ARG B 68 2.28 -11.53 -10.43
N THR B 69 2.66 -12.36 -11.41
CA THR B 69 1.76 -13.41 -11.90
C THR B 69 2.12 -14.83 -11.45
N ARG B 70 3.42 -15.08 -11.29
CA ARG B 70 3.92 -16.40 -10.93
C ARG B 70 3.53 -16.85 -9.53
N TYR B 71 3.41 -18.15 -9.37
CA TYR B 71 3.41 -18.76 -8.05
C TYR B 71 4.87 -18.89 -7.66
N GLU B 72 5.27 -18.18 -6.61
CA GLU B 72 6.66 -18.20 -6.14
C GLU B 72 6.78 -19.15 -4.95
N ARG B 73 6.99 -20.43 -5.28
CA ARG B 73 6.92 -21.52 -4.30
C ARG B 73 7.83 -21.31 -3.08
N ASN B 74 9.06 -20.89 -3.32
CA ASN B 74 10.05 -20.78 -2.24
C ASN B 74 9.99 -19.45 -1.44
N ILE B 75 8.99 -18.61 -1.69
CA ILE B 75 8.90 -17.27 -1.09
C ILE B 75 7.52 -16.91 -0.52
N GLU B 76 6.49 -17.01 -1.35
CA GLU B 76 5.18 -16.47 -1.01
C GLU B 76 4.35 -17.39 -0.13
N LYS B 77 3.43 -16.79 0.62
CA LYS B 77 2.49 -17.53 1.45
C LYS B 77 1.09 -17.09 1.10
N ILE B 78 0.19 -18.04 0.90
CA ILE B 78 -1.23 -17.74 0.63
C ILE B 78 -2.05 -18.03 1.87
N SER B 79 -2.84 -17.04 2.27
CA SER B 79 -3.74 -17.19 3.40
C SER B 79 -5.16 -16.86 2.99
N MET B 80 -6.09 -17.51 3.68
CA MET B 80 -7.50 -17.26 3.53
C MET B 80 -7.87 -16.19 4.53
N LEU B 81 -9.08 -15.67 4.42
CA LEU B 81 -9.56 -14.63 5.31
C LEU B 81 -10.64 -15.16 6.25
N GLU B 82 -10.62 -14.67 7.48
CA GLU B 82 -11.61 -15.01 8.49
C GLU B 82 -12.70 -13.94 8.55
N LYS B 83 -12.29 -12.69 8.61
CA LYS B 83 -13.26 -11.59 8.71
C LYS B 83 -12.71 -10.28 8.14
N ILE B 84 -13.57 -9.57 7.42
CA ILE B 84 -13.29 -8.23 6.95
C ILE B 84 -13.90 -7.28 7.96
N TYR B 85 -13.13 -6.27 8.35
CA TYR B 85 -13.59 -5.19 9.20
C TYR B 85 -13.39 -3.86 8.48
N ILE B 86 -14.50 -3.23 8.11
CA ILE B 86 -14.48 -1.92 7.45
C ILE B 86 -14.72 -0.81 8.47
N HIS B 87 -14.09 0.34 8.28
CA HIS B 87 -14.32 1.47 9.16
C HIS B 87 -15.81 1.83 9.07
N PRO B 88 -16.50 1.89 10.22
CA PRO B 88 -17.94 2.11 10.22
C PRO B 88 -18.37 3.52 9.80
N ARG B 89 -17.42 4.46 9.74
CA ARG B 89 -17.71 5.79 9.24
C ARG B 89 -17.07 6.02 7.87
N TYR B 90 -16.77 4.93 7.16
CA TYR B 90 -16.23 5.01 5.79
C TYR B 90 -17.26 5.63 4.84
N ASN B 91 -16.89 6.77 4.25
CA ASN B 91 -17.80 7.61 3.47
C ASN B 91 -17.58 7.47 1.96
N TRP B 92 -18.06 6.35 1.41
CA TRP B 92 -18.01 6.08 -0.04
C TRP B 92 -18.92 7.01 -0.86
N ARG B 93 -19.96 7.51 -0.21
CA ARG B 93 -20.94 8.37 -0.86
C ARG B 93 -20.38 9.66 -1.47
N GLU B 94 -19.22 10.12 -1.00
CA GLU B 94 -18.77 11.48 -1.31
C GLU B 94 -17.30 11.59 -1.70
N ASN B 95 -16.41 11.18 -0.80
CA ASN B 95 -14.98 11.42 -0.99
C ASN B 95 -14.04 10.34 -0.43
N LEU B 96 -14.57 9.14 -0.17
CA LEU B 96 -13.76 8.03 0.37
C LEU B 96 -13.06 8.35 1.70
N ASP B 97 -13.69 9.19 2.52
CA ASP B 97 -13.18 9.55 3.85
C ASP B 97 -13.06 8.30 4.72
N ARG B 98 -11.95 8.19 5.44
CA ARG B 98 -11.66 7.05 6.32
C ARG B 98 -11.66 5.75 5.51
N ASP B 99 -10.92 5.78 4.40
CA ASP B 99 -10.79 4.65 3.50
C ASP B 99 -9.82 3.64 4.10
N ILE B 100 -10.30 2.80 5.01
CA ILE B 100 -9.42 1.88 5.72
C ILE B 100 -10.16 0.61 6.11
N ALA B 101 -9.50 -0.54 5.95
CA ALA B 101 -10.10 -1.82 6.28
C ALA B 101 -9.05 -2.74 6.90
N LEU B 102 -9.51 -3.68 7.72
CA LEU B 102 -8.62 -4.69 8.30
C LEU B 102 -9.09 -6.07 7.88
N MET B 103 -8.15 -6.99 7.76
CA MET B 103 -8.47 -8.37 7.41
C MET B 103 -7.77 -9.33 8.36
N LYS B 104 -8.57 -10.19 9.00
CA LYS B 104 -8.06 -11.21 9.90
C LYS B 104 -7.82 -12.51 9.12
N LEU B 105 -6.58 -12.99 9.11
CA LEU B 105 -6.24 -14.24 8.42
C LEU B 105 -6.71 -15.44 9.25
N LYS B 106 -7.20 -16.49 8.59
CA LYS B 106 -7.71 -17.67 9.30
C LYS B 106 -6.64 -18.30 10.19
N LYS B 107 -5.40 -18.26 9.72
CA LYS B 107 -4.27 -18.82 10.47
C LYS B 107 -3.10 -17.85 10.44
N PRO B 108 -2.30 -17.81 11.53
CA PRO B 108 -1.20 -16.86 11.58
C PRO B 108 -0.08 -17.26 10.62
N VAL B 109 0.45 -16.29 9.88
CA VAL B 109 1.55 -16.55 8.96
C VAL B 109 2.87 -16.48 9.74
N ALA B 110 3.80 -17.36 9.39
CA ALA B 110 5.15 -17.31 9.96
C ALA B 110 5.95 -16.26 9.20
N PHE B 111 6.71 -15.45 9.91
CA PHE B 111 7.55 -14.45 9.27
C PHE B 111 8.77 -15.12 8.66
N SER B 112 9.37 -14.44 7.70
CA SER B 112 10.51 -14.97 6.98
C SER B 112 11.33 -13.82 6.46
N ASP B 113 12.32 -14.11 5.63
CA ASP B 113 13.11 -13.07 4.96
C ASP B 113 12.26 -12.17 4.05
N TYR B 114 11.18 -12.74 3.54
CA TYR B 114 10.33 -12.11 2.53
C TYR B 114 9.00 -11.68 3.12
N ILE B 115 8.74 -12.10 4.36
CA ILE B 115 7.48 -11.80 5.01
C ILE B 115 7.76 -11.28 6.40
N HIS B 116 7.42 -9.99 6.62
CA HIS B 116 7.74 -9.27 7.85
C HIS B 116 6.86 -8.02 7.96
N PRO B 117 6.28 -7.73 9.15
CA PRO B 117 5.33 -6.64 9.25
C PRO B 117 5.92 -5.22 9.36
N VAL B 118 5.16 -4.25 8.87
CA VAL B 118 5.46 -2.84 9.02
C VAL B 118 4.95 -2.33 10.39
N CYS B 119 5.60 -1.31 10.95
CA CYS B 119 5.11 -0.66 12.18
C CYS B 119 4.01 0.33 11.88
N LEU B 120 3.12 0.51 12.85
CA LEU B 120 2.20 1.63 12.78
C LEU B 120 2.71 2.77 13.65
N PRO B 121 2.56 4.00 13.15
CA PRO B 121 3.10 5.18 13.81
C PRO B 121 2.45 5.46 15.15
N ASP B 122 3.20 6.11 16.03
CA ASP B 122 2.64 6.71 17.24
C ASP B 122 2.50 8.23 17.02
N ARG B 123 2.07 8.97 18.03
CA ARG B 123 1.87 10.41 17.90
C ARG B 123 3.17 11.17 17.59
N GLU B 124 4.25 10.80 18.27
CA GLU B 124 5.56 11.42 18.06
C GLU B 124 6.01 11.23 16.62
N THR B 125 6.07 9.98 16.20
CA THR B 125 6.48 9.64 14.85
C THR B 125 5.63 10.36 13.79
N ALA B 126 4.33 10.39 14.00
CA ALA B 126 3.44 11.07 13.06
C ALA B 126 3.73 12.58 13.02
N ALA B 127 3.87 13.20 14.17
CA ALA B 127 4.26 14.61 14.23
C ALA B 127 5.61 14.88 13.53
N SER B 128 6.56 13.96 13.69
CA SER B 128 7.92 14.15 13.17
C SER B 128 8.02 14.01 11.65
N LEU B 129 7.43 12.93 11.12
CA LEU B 129 7.60 12.54 9.74
C LEU B 129 6.59 13.11 8.77
N LEU B 130 5.37 13.37 9.20
CA LEU B 130 4.34 13.83 8.27
C LEU B 130 4.46 15.31 8.04
N GLN B 131 5.48 15.70 7.30
CA GLN B 131 5.71 17.11 7.07
C GLN B 131 5.90 17.37 5.59
N ALA B 132 5.46 18.53 5.14
CA ALA B 132 5.53 18.85 3.74
C ALA B 132 6.99 18.83 3.37
N GLY B 133 7.31 18.16 2.27
CA GLY B 133 8.67 18.03 1.80
C GLY B 133 9.28 16.67 2.09
N TYR B 134 8.79 15.99 3.12
CA TYR B 134 9.40 14.75 3.56
C TYR B 134 8.86 13.62 2.70
N LYS B 135 9.73 12.72 2.31
CA LYS B 135 9.36 11.68 1.36
C LYS B 135 9.02 10.39 2.06
N GLY B 136 7.97 9.73 1.55
CA GLY B 136 7.68 8.36 1.86
C GLY B 136 7.80 7.48 0.63
N ARG B 137 7.58 6.19 0.81
CA ARG B 137 7.71 5.27 -0.27
C ARG B 137 6.39 4.54 -0.46
N VAL B 138 6.04 4.31 -1.72
CA VAL B 138 4.84 3.60 -2.11
C VAL B 138 5.27 2.45 -3.02
N THR B 139 4.62 1.30 -2.90
CA THR B 139 4.97 0.12 -3.69
C THR B 139 3.70 -0.55 -4.17
N GLY B 140 3.78 -1.26 -5.29
CA GLY B 140 2.65 -2.07 -5.73
C GLY B 140 2.85 -2.68 -7.11
N TRP B 141 1.84 -3.45 -7.54
CA TRP B 141 1.86 -4.13 -8.83
C TRP B 141 0.77 -3.53 -9.75
N GLY B 142 0.28 -2.34 -9.40
CA GLY B 142 -0.65 -1.63 -10.26
C GLY B 142 -0.01 -1.22 -11.59
N ASN B 143 -0.79 -0.51 -12.40
CA ASN B 143 -0.39 -0.19 -13.75
C ASN B 143 0.82 0.74 -13.82
N LEU B 144 1.55 0.65 -14.93
CA LEU B 144 2.72 1.48 -15.19
C LEU B 144 2.38 2.83 -15.82
N LYS B 145 1.17 2.94 -16.38
CA LYS B 145 0.61 4.22 -16.87
C LYS B 145 -0.91 4.18 -16.68
N GLU B 146 -1.58 5.31 -16.84
CA GLU B 146 -3.04 5.30 -17.02
C GLU B 146 -3.38 4.37 -18.17
N THR B 147 -4.44 3.58 -18.03
CA THR B 147 -4.87 2.69 -19.12
C THR B 147 -5.36 3.50 -20.33
N TRP B 148 -5.27 2.88 -21.51
CA TRP B 148 -5.63 3.49 -22.78
C TRP B 148 -4.89 4.82 -23.06
N THR B 149 -3.63 4.87 -22.62
CA THR B 149 -2.68 5.92 -22.99
C THR B 149 -1.30 5.27 -23.30
N ALA B 150 -0.58 5.87 -24.25
CA ALA B 150 0.78 5.40 -24.62
C ALA B 150 0.76 4.04 -25.34
N ASN B 151 1.28 2.99 -24.70
CA ASN B 151 1.32 1.65 -25.30
C ASN B 151 0.71 0.59 -24.37
N VAL B 152 -0.33 -0.07 -24.86
CA VAL B 152 -1.17 -0.97 -24.08
C VAL B 152 -0.39 -2.13 -23.39
N GLY B 153 0.14 -3.05 -24.18
CA GLY B 153 0.84 -4.24 -23.66
C GLY B 153 1.69 -3.98 -22.44
N LYS B 154 2.64 -3.06 -22.54
CA LYS B 154 3.55 -2.74 -21.42
C LYS B 154 2.86 -1.95 -20.29
N GLY B 155 1.67 -2.38 -19.88
CA GLY B 155 0.90 -1.67 -18.86
C GLY B 155 1.03 -2.26 -17.47
N GLN B 156 1.16 -3.58 -17.40
CA GLN B 156 1.26 -4.27 -16.13
C GLN B 156 2.72 -4.64 -15.94
N PRO B 157 3.23 -4.46 -14.71
CA PRO B 157 4.62 -4.75 -14.45
C PRO B 157 4.86 -6.23 -14.24
N SER B 158 6.08 -6.64 -14.52
CA SER B 158 6.52 -7.98 -14.27
C SER B 158 6.71 -8.26 -12.79
N VAL B 159 7.32 -7.31 -12.09
CA VAL B 159 7.67 -7.46 -10.67
C VAL B 159 7.21 -6.24 -9.88
N LEU B 160 7.17 -6.40 -8.56
CA LEU B 160 6.77 -5.33 -7.66
C LEU B 160 7.53 -4.05 -7.95
N GLN B 161 6.81 -2.94 -7.89
CA GLN B 161 7.34 -1.62 -8.20
C GLN B 161 7.36 -0.75 -6.96
N VAL B 162 8.34 0.14 -6.91
CA VAL B 162 8.53 1.05 -5.78
C VAL B 162 8.78 2.46 -6.33
N VAL B 163 8.23 3.47 -5.65
CA VAL B 163 8.56 4.87 -5.96
C VAL B 163 8.54 5.68 -4.67
N ASN B 164 9.39 6.71 -4.60
CA ASN B 164 9.47 7.58 -3.43
C ASN B 164 8.84 8.91 -3.77
N LEU B 165 8.03 9.47 -2.88
CA LEU B 165 7.27 10.70 -3.18
C LEU B 165 7.25 11.64 -1.98
N PRO B 166 7.29 12.96 -2.21
CA PRO B 166 7.22 13.94 -1.13
C PRO B 166 5.80 14.25 -0.73
N ILE B 167 5.60 14.43 0.58
CA ILE B 167 4.33 14.92 1.11
C ILE B 167 4.14 16.37 0.66
N VAL B 168 2.91 16.74 0.34
CA VAL B 168 2.63 18.06 -0.22
C VAL B 168 1.85 18.88 0.80
N GLU B 169 2.11 20.18 0.86
CA GLU B 169 1.37 21.10 1.76
C GLU B 169 -0.13 20.95 1.58
N ARG B 170 -0.90 21.05 2.67
CA ARG B 170 -2.37 20.93 2.58
C ARG B 170 -3.04 21.92 1.61
N PRO B 171 -2.60 23.20 1.62
CA PRO B 171 -3.22 24.15 0.70
C PRO B 171 -3.11 23.77 -0.78
N VAL B 172 -1.97 23.18 -1.18
CA VAL B 172 -1.79 22.78 -2.57
C VAL B 172 -2.66 21.57 -2.90
N CYS B 173 -2.69 20.58 -2.01
CA CYS B 173 -3.62 19.45 -2.17
C CYS B 173 -5.03 20.02 -2.42
N LYS B 174 -5.52 20.85 -1.49
CA LYS B 174 -6.87 21.40 -1.59
C LYS B 174 -7.11 22.18 -2.87
N ASP B 175 -6.16 23.05 -3.21
CA ASP B 175 -6.26 23.83 -4.45
C ASP B 175 -6.09 22.98 -5.73
N SER B 176 -5.67 21.72 -5.59
CA SER B 176 -5.45 20.84 -6.76
C SER B 176 -6.69 20.08 -7.23
N THR B 177 -7.75 20.10 -6.42
CA THR B 177 -8.93 19.29 -6.71
C THR B 177 -10.23 19.87 -6.17
N ARG B 178 -11.33 19.46 -6.79
CA ARG B 178 -12.66 19.91 -6.40
C ARG B 178 -13.26 19.07 -5.27
N ILE B 179 -12.72 17.86 -5.09
CA ILE B 179 -13.20 16.95 -4.04
C ILE B 179 -12.89 17.54 -2.65
N ARG B 180 -13.78 17.26 -1.69
CA ARG B 180 -13.63 17.74 -0.33
C ARG B 180 -12.55 16.93 0.41
N ILE B 181 -11.40 17.57 0.65
CA ILE B 181 -10.25 16.93 1.29
C ILE B 181 -10.35 17.06 2.80
N THR B 182 -10.25 15.96 3.53
CA THR B 182 -10.38 16.01 4.97
C THR B 182 -9.09 15.67 5.67
N ASP B 183 -9.07 15.86 6.98
CA ASP B 183 -7.89 15.60 7.78
C ASP B 183 -7.62 14.09 7.99
N ASN B 184 -8.43 13.21 7.38
CA ASN B 184 -8.14 11.78 7.33
C ASN B 184 -7.43 11.42 6.02
N MET B 185 -7.18 12.44 5.20
CA MET B 185 -6.38 12.28 4.01
C MET B 185 -5.18 13.18 4.10
N PHE B 186 -4.06 12.73 3.52
CA PHE B 186 -3.00 13.65 3.10
C PHE B 186 -2.65 13.32 1.66
N CYS B 187 -1.81 14.14 1.04
CA CYS B 187 -1.47 13.91 -0.34
C CYS B 187 0.04 13.97 -0.59
N ALA B 188 0.48 13.37 -1.68
CA ALA B 188 1.90 13.29 -1.99
C ALA B 188 2.12 13.25 -3.49
N GLY B 189 3.31 13.66 -3.89
CA GLY B 189 3.71 13.66 -5.30
C GLY B 189 4.52 14.91 -5.59
N TYR B 190 5.27 14.91 -6.68
CA TYR B 190 6.01 16.09 -7.10
C TYR B 190 5.10 17.11 -7.75
N LYS B 191 5.54 18.37 -7.72
CA LYS B 191 4.83 19.48 -8.31
C LYS B 191 5.27 19.61 -9.77
N PRO B 192 4.45 20.26 -10.60
CA PRO B 192 4.86 20.43 -11.99
C PRO B 192 6.24 21.06 -12.10
N ASP B 193 6.48 22.07 -11.27
CA ASP B 193 7.77 22.78 -11.24
C ASP B 193 8.99 21.91 -10.91
N GLU B 194 8.81 20.87 -10.08
CA GLU B 194 9.93 20.18 -9.44
C GLU B 194 10.71 19.16 -10.31
N GLY B 195 10.32 19.00 -11.57
CA GLY B 195 11.11 18.22 -12.52
C GLY B 195 11.50 16.82 -12.07
N LYS B 196 10.61 16.18 -11.31
CA LYS B 196 10.66 14.73 -11.08
C LYS B 196 9.21 14.29 -11.07
N ARG B 197 8.99 12.99 -11.19
CA ARG B 197 7.67 12.48 -11.48
C ARG B 197 7.36 11.24 -10.62
N GLY B 198 6.13 10.72 -10.70
CA GLY B 198 5.78 9.46 -10.03
C GLY B 198 4.44 9.47 -9.33
N ASP B 199 3.80 8.31 -9.23
CA ASP B 199 2.45 8.19 -8.65
C ASP B 199 2.00 6.73 -8.48
N ALA B 200 1.09 6.50 -7.53
CA ALA B 200 0.31 5.26 -7.48
C ALA B 200 -0.64 5.26 -8.66
N CYS B 201 -1.06 4.08 -9.09
CA CYS B 201 -2.03 3.97 -10.18
C CYS B 201 -2.95 2.77 -9.95
N GLU B 202 -3.87 2.53 -10.88
CA GLU B 202 -4.91 1.51 -10.71
C GLU B 202 -4.29 0.15 -10.36
N GLY B 203 -4.70 -0.43 -9.25
CA GLY B 203 -4.14 -1.71 -8.79
C GLY B 203 -3.20 -1.57 -7.60
N ASP B 204 -2.62 -0.38 -7.43
CA ASP B 204 -1.76 -0.09 -6.27
C ASP B 204 -2.57 0.30 -5.05
N SER B 205 -3.83 0.64 -5.23
CA SER B 205 -4.61 1.16 -4.14
C SER B 205 -4.79 0.19 -3.02
N GLY B 206 -4.85 0.71 -1.80
CA GLY B 206 -4.92 -0.12 -0.61
C GLY B 206 -3.54 -0.46 -0.06
N GLY B 207 -2.50 -0.23 -0.85
CA GLY B 207 -1.15 -0.52 -0.44
C GLY B 207 -0.58 0.61 0.42
N PRO B 208 0.59 0.38 1.00
CA PRO B 208 1.18 1.28 1.99
C PRO B 208 1.97 2.47 1.45
N PHE B 209 1.92 3.57 2.18
CA PHE B 209 2.83 4.69 2.02
C PHE B 209 3.71 4.62 3.23
N VAL B 210 5.00 4.32 3.07
CA VAL B 210 5.85 4.08 4.23
C VAL B 210 6.94 5.13 4.38
N MET B 211 7.32 5.39 5.63
CA MET B 211 8.45 6.23 5.94
C MET B 211 9.41 5.54 6.95
N LYS B 212 10.71 5.71 6.74
CA LYS B 212 11.73 5.13 7.63
C LYS B 212 12.14 6.12 8.73
N SER B 213 11.90 5.74 9.97
CA SER B 213 12.29 6.59 11.09
C SER B 213 13.82 6.68 11.27
N PRO B 214 14.37 7.90 11.31
CA PRO B 214 15.78 8.02 11.61
C PRO B 214 16.06 7.91 13.11
N PHE B 215 15.01 7.87 13.93
CA PHE B 215 15.18 7.68 15.38
C PHE B 215 15.46 6.23 15.75
N ASN B 216 14.91 5.27 15.01
CA ASN B 216 15.07 3.85 15.36
C ASN B 216 15.26 2.90 14.15
N ASN B 217 15.44 3.43 12.95
CA ASN B 217 15.68 2.65 11.73
C ASN B 217 14.53 1.76 11.27
N ARG B 218 13.32 2.07 11.75
CA ARG B 218 12.16 1.26 11.38
C ARG B 218 11.27 1.93 10.34
N TRP B 219 10.66 1.10 9.50
CA TRP B 219 9.68 1.55 8.53
C TRP B 219 8.31 1.61 9.16
N TYR B 220 7.64 2.76 9.02
CA TYR B 220 6.31 2.98 9.56
C TYR B 220 5.36 3.25 8.41
N GLN B 221 4.17 2.63 8.45
CA GLN B 221 3.15 2.91 7.45
C GLN B 221 2.35 4.12 7.88
N MET B 222 2.53 5.22 7.16
CA MET B 222 1.89 6.49 7.49
C MET B 222 0.60 6.65 6.74
N GLY B 223 0.50 6.00 5.58
CA GLY B 223 -0.68 6.11 4.73
C GLY B 223 -1.05 4.83 3.98
N ILE B 224 -2.27 4.82 3.46
CA ILE B 224 -2.82 3.79 2.59
C ILE B 224 -3.21 4.50 1.29
N VAL B 225 -2.75 3.99 0.15
CA VAL B 225 -3.09 4.57 -1.16
C VAL B 225 -4.62 4.55 -1.33
N SER B 226 -5.22 5.73 -1.50
CA SER B 226 -6.67 5.85 -1.51
C SER B 226 -7.28 6.25 -2.85
N TRP B 227 -6.97 7.45 -3.33
CA TRP B 227 -7.57 7.91 -4.57
C TRP B 227 -6.76 8.95 -5.29
N GLY B 228 -7.11 9.19 -6.54
CA GLY B 228 -6.44 10.19 -7.37
C GLY B 228 -7.31 10.51 -8.57
N GLU B 229 -6.92 11.54 -9.30
CA GLU B 229 -7.60 11.88 -10.54
C GLU B 229 -6.66 11.54 -11.69
N GLY B 230 -6.81 10.34 -12.23
CA GLY B 230 -5.83 9.78 -13.16
C GLY B 230 -4.55 9.43 -12.38
N CYS B 231 -3.47 9.13 -13.09
CA CYS B 231 -2.19 8.80 -12.48
C CYS B 231 -1.08 9.67 -13.07
N ASP B 232 -0.36 10.37 -12.20
CA ASP B 232 0.85 11.10 -12.59
C ASP B 232 0.64 12.30 -13.50
N ARG B 233 -0.47 13.01 -13.31
CA ARG B 233 -0.76 14.22 -14.08
C ARG B 233 -0.21 15.46 -13.37
N ASP B 234 0.27 16.43 -14.15
CA ASP B 234 0.80 17.68 -13.61
C ASP B 234 -0.29 18.47 -12.89
N GLY B 235 0.01 18.86 -11.65
CA GLY B 235 -0.93 19.60 -10.82
C GLY B 235 -1.85 18.68 -10.04
N LYS B 236 -1.67 17.37 -10.18
CA LYS B 236 -2.46 16.40 -9.41
C LYS B 236 -1.53 15.62 -8.50
N TYR B 237 -2.09 15.13 -7.40
CA TYR B 237 -1.35 14.44 -6.39
C TYR B 237 -2.16 13.22 -5.98
N GLY B 238 -1.46 12.19 -5.49
CA GLY B 238 -2.13 11.03 -4.93
C GLY B 238 -2.62 11.40 -3.55
N PHE B 239 -3.75 10.83 -3.13
CA PHE B 239 -4.29 11.07 -1.80
C PHE B 239 -4.22 9.79 -1.01
N TYR B 240 -3.91 9.91 0.28
CA TYR B 240 -3.59 8.77 1.11
C TYR B 240 -4.40 8.83 2.41
N THR B 241 -4.89 7.67 2.85
CA THR B 241 -5.57 7.58 4.15
C THR B 241 -4.51 7.84 5.24
N HIS B 242 -4.82 8.76 6.15
CA HIS B 242 -3.96 9.15 7.27
C HIS B 242 -4.05 8.09 8.37
N VAL B 243 -3.11 7.14 8.34
CA VAL B 243 -3.19 5.94 9.17
C VAL B 243 -3.19 6.29 10.66
N PHE B 244 -2.41 7.29 11.06
CA PHE B 244 -2.34 7.63 12.47
C PHE B 244 -3.69 8.12 13.06
N ARG B 245 -4.40 8.97 12.32
CA ARG B 245 -5.75 9.45 12.74
C ARG B 245 -6.70 8.32 13.11
N LEU B 246 -6.54 7.18 12.43
CA LEU B 246 -7.44 6.06 12.57
C LEU B 246 -6.79 4.90 13.35
N LYS B 247 -5.63 5.14 13.94
CA LYS B 247 -4.92 4.07 14.66
C LYS B 247 -5.72 3.54 15.85
N LYS B 248 -6.52 4.40 16.48
CA LYS B 248 -7.32 3.98 17.62
C LYS B 248 -8.35 2.95 17.20
N TRP B 249 -8.91 3.11 16.00
CA TRP B 249 -9.84 2.12 15.45
C TRP B 249 -9.16 0.79 15.13
N ILE B 250 -7.97 0.85 14.56
CA ILE B 250 -7.20 -0.36 14.26
C ILE B 250 -6.96 -1.19 15.53
N GLN B 251 -6.50 -0.54 16.59
CA GLN B 251 -6.20 -1.23 17.85
C GLN B 251 -7.46 -1.71 18.57
N LYS B 252 -8.54 -0.96 18.46
CA LYS B 252 -9.83 -1.40 19.02
C LYS B 252 -10.27 -2.71 18.39
N VAL B 253 -10.15 -2.80 17.06
CA VAL B 253 -10.53 -4.01 16.36
C VAL B 253 -9.64 -5.21 16.71
N ILE B 254 -8.31 -4.99 16.72
CA ILE B 254 -7.33 -6.06 16.96
C ILE B 254 -7.38 -6.60 18.40
N ASP B 255 -7.54 -5.70 19.36
CA ASP B 255 -7.70 -6.12 20.76
C ASP B 255 -8.97 -6.96 20.98
N GLN B 256 -10.07 -6.60 20.30
CA GLN B 256 -11.35 -7.32 20.45
C GLN B 256 -11.37 -8.70 19.79
N PHE B 257 -10.88 -8.77 18.56
CA PHE B 257 -11.02 -9.96 17.72
C PHE B 257 -9.71 -10.71 17.43
N GLY B 258 -8.59 -10.20 17.93
CA GLY B 258 -7.30 -10.90 17.82
C GLY B 258 -7.14 -11.92 18.93
N GLU B 259 -7.08 -13.20 18.57
CA GLU B 259 -7.20 -14.29 19.54
C GLU B 259 -5.89 -14.54 20.30
N HIS C 12 -10.32 -5.43 -9.90
CA HIS C 12 -10.03 -3.98 -9.72
C HIS C 12 -9.11 -3.46 -10.83
N LYS C 13 -9.60 -3.61 -12.07
CA LYS C 13 -9.13 -2.87 -13.25
C LYS C 13 -7.67 -3.13 -13.67
N THR C 14 -7.15 -4.33 -13.38
CA THR C 14 -5.73 -4.61 -13.64
C THR C 14 -5.49 -6.12 -13.94
N ALA C 15 -5.42 -6.46 -15.23
CA ALA C 15 -5.14 -7.84 -15.68
C ALA C 15 -5.10 -7.98 -17.23
N PRO C 16 -4.29 -8.94 -17.75
CA PRO C 16 -4.48 -9.58 -19.08
C PRO C 16 -5.25 -10.94 -19.00
N PRO C 17 -5.49 -11.62 -20.15
CA PRO C 17 -6.11 -12.97 -20.18
C PRO C 17 -5.18 -14.18 -19.91
N PHE C 18 -5.63 -15.14 -19.09
CA PHE C 18 -4.85 -16.33 -18.64
C PHE C 18 -3.50 -15.96 -17.98
N ASP C 19 -3.54 -14.89 -17.18
CA ASP C 19 -2.35 -14.17 -16.73
C ASP C 19 -1.64 -14.79 -15.53
N PHE C 20 -2.40 -15.26 -14.53
CA PHE C 20 -1.84 -15.70 -13.25
C PHE C 20 -1.60 -17.21 -13.20
N GLU C 21 -0.40 -17.59 -12.77
CA GLU C 21 -0.07 -18.99 -12.52
C GLU C 21 -1.01 -19.53 -11.43
N ALA C 22 -1.43 -20.77 -11.58
CA ALA C 22 -2.38 -21.34 -10.63
C ALA C 22 -1.72 -21.56 -9.28
N ILE C 23 -2.52 -21.44 -8.22
CA ILE C 23 -2.00 -21.50 -6.87
C ILE C 23 -2.51 -22.76 -6.16
N PRO C 24 -1.60 -23.69 -5.81
CA PRO C 24 -2.00 -24.92 -5.15
C PRO C 24 -2.43 -24.66 -3.71
N GLU C 25 -2.69 -25.72 -2.96
CA GLU C 25 -2.94 -25.60 -1.53
C GLU C 25 -1.76 -26.17 -0.75
N GLU C 26 -0.70 -25.36 -0.65
CA GLU C 26 0.53 -25.74 0.05
C GLU C 26 0.64 -24.99 1.37
N TYR C 27 1.24 -25.63 2.38
CA TYR C 27 1.49 -25.02 3.68
C TYR C 27 2.95 -25.20 4.10
N LEU C 28 3.87 -25.08 3.13
CA LEU C 28 5.30 -25.33 3.32
C LEU C 28 6.13 -24.27 2.57
#